data_3FMA
#
_entry.id   3FMA
#
_cell.length_a   101.4
_cell.length_b   101.4
_cell.length_c   150.7
_cell.angle_alpha   90.000
_cell.angle_beta   90.000
_cell.angle_gamma   90.000
#
_symmetry.space_group_name_H-M   'P 42 21 2'
#
loop_
_entity.id
_entity.type
_entity.pdbx_description
1 polymer 'Protein SMY2'
2 polymer 'Branchpoint-bridging protein'
3 water water
#
loop_
_entity_poly.entity_id
_entity_poly.type
_entity_poly.pdbx_seq_one_letter_code
_entity_poly.pdbx_strand_id
1 'polypeptide(L)'
;GSNG(MSE)SQLPAPVSVESSWRYIDTQGQIHGPFTTQ(MSE)(MSE)SQWYIGGYFASTLQISRLGSTPETLGINDIFI
TLGEL(MSE)TKLEKYDTDPFTTFDKLHVQTTSSDS
;
A,B,C,D,E
2 'polypeptide(L)' SSIAPPPGLSG L,M,N,O,P
#
# COMPACT_ATOMS: atom_id res chain seq x y z
N SER A 13 13.57 -4.71 -24.91
CA SER A 13 12.28 -4.27 -25.52
C SER A 13 11.11 -4.75 -24.65
N VAL A 14 10.28 -3.81 -24.23
CA VAL A 14 9.20 -4.05 -23.27
C VAL A 14 7.82 -4.29 -23.93
N GLU A 15 7.06 -5.24 -23.42
CA GLU A 15 5.67 -5.42 -23.76
C GLU A 15 4.84 -5.04 -22.52
N SER A 16 3.75 -4.31 -22.71
CA SER A 16 2.88 -3.92 -21.59
C SER A 16 2.02 -5.07 -21.06
N SER A 17 1.51 -4.90 -19.83
CA SER A 17 0.54 -5.80 -19.22
C SER A 17 -0.68 -4.94 -18.94
N TRP A 18 -1.87 -5.51 -19.17
CA TRP A 18 -3.13 -4.79 -19.09
C TRP A 18 -4.16 -5.47 -18.21
N ARG A 19 -5.05 -4.70 -17.62
CA ARG A 19 -6.17 -5.27 -16.89
C ARG A 19 -7.46 -4.69 -17.48
N TYR A 20 -8.58 -5.34 -17.19
CA TYR A 20 -9.88 -4.77 -17.56
C TYR A 20 -10.93 -5.17 -16.55
N ILE A 21 -11.99 -4.37 -16.49
CA ILE A 21 -13.10 -4.59 -15.59
C ILE A 21 -14.29 -5.06 -16.42
N ASP A 22 -14.84 -6.22 -16.07
CA ASP A 22 -16.04 -6.68 -16.74
C ASP A 22 -17.29 -5.98 -16.21
N THR A 23 -18.44 -6.33 -16.76
CA THR A 23 -19.70 -5.68 -16.39
C THR A 23 -20.21 -6.06 -14.97
N GLN A 24 -19.67 -7.13 -14.38
CA GLN A 24 -19.97 -7.51 -12.99
C GLN A 24 -18.98 -6.85 -12.04
N GLY A 25 -18.10 -6.04 -12.62
CA GLY A 25 -17.13 -5.27 -11.86
C GLY A 25 -15.91 -6.03 -11.45
N GLN A 26 -15.73 -7.25 -11.98
CA GLN A 26 -14.54 -8.05 -11.71
C GLN A 26 -13.38 -7.64 -12.62
N ILE A 27 -12.19 -7.64 -12.02
CA ILE A 27 -10.93 -7.26 -12.64
C ILE A 27 -10.24 -8.51 -13.13
N HIS A 28 -9.95 -8.50 -14.43
CA HIS A 28 -9.26 -9.58 -15.12
C HIS A 28 -7.90 -9.10 -15.60
N GLY A 29 -6.93 -10.02 -15.60
CA GLY A 29 -5.57 -9.70 -16.01
C GLY A 29 -4.58 -9.98 -14.91
N PRO A 30 -3.34 -9.50 -15.04
CA PRO A 30 -2.76 -8.78 -16.20
C PRO A 30 -2.63 -9.68 -17.44
N PHE A 31 -2.98 -9.14 -18.60
CA PHE A 31 -2.80 -9.78 -19.90
C PHE A 31 -1.85 -8.93 -20.76
N THR A 32 -1.02 -9.62 -21.55
CA THR A 32 -0.04 -8.93 -22.39
C THR A 32 -0.71 -8.21 -23.55
N THR A 33 0.01 -7.22 -24.07
CA THR A 33 -0.36 -6.45 -25.25
C THR A 33 -0.78 -7.38 -26.38
N GLN A 34 0.03 -8.38 -26.69
CA GLN A 34 -0.30 -9.35 -27.75
C GLN A 34 -1.67 -10.00 -27.52
N MSE A 35 -1.92 -10.47 -26.29
CA MSE A 35 -3.18 -11.10 -25.95
CA MSE A 35 -3.17 -11.11 -25.98
C MSE A 35 -4.34 -10.13 -26.17
O MSE A 35 -5.34 -10.48 -26.81
CB MSE A 35 -3.16 -11.62 -24.51
CB MSE A 35 -3.15 -11.68 -24.56
CG MSE A 35 -2.16 -12.75 -24.22
CG MSE A 35 -4.42 -12.40 -24.23
SE MSE A 35 -2.01 -13.12 -22.28
SE MSE A 35 -4.76 -13.98 -25.32
CE MSE A 35 -3.70 -14.13 -22.06
CE MSE A 35 -4.57 -15.35 -23.96
N MSE A 36 -4.19 -8.91 -25.64
CA MSE A 36 -5.19 -7.82 -25.75
C MSE A 36 -5.48 -7.48 -27.22
O MSE A 36 -6.64 -7.31 -27.61
CB MSE A 36 -4.75 -6.56 -24.98
CG MSE A 36 -4.55 -6.75 -23.50
SE MSE A 36 -6.23 -7.08 -22.55
CE MSE A 36 -6.88 -5.25 -22.47
N SER A 37 -4.41 -7.39 -28.00
CA SER A 37 -4.44 -7.18 -29.44
C SER A 37 -5.34 -8.21 -30.15
N GLN A 38 -5.03 -9.49 -29.94
CA GLN A 38 -5.78 -10.59 -30.50
C GLN A 38 -7.27 -10.48 -30.18
N TRP A 39 -7.61 -10.26 -28.90
CA TRP A 39 -9.00 -10.10 -28.50
C TRP A 39 -9.68 -8.89 -29.14
N TYR A 40 -8.94 -7.77 -29.22
CA TYR A 40 -9.40 -6.58 -29.93
C TYR A 40 -9.76 -6.90 -31.39
N ILE A 41 -8.80 -7.48 -32.12
CA ILE A 41 -8.94 -7.84 -33.53
C ILE A 41 -10.08 -8.87 -33.66
N GLY A 42 -10.25 -9.70 -32.65
CA GLY A 42 -11.34 -10.68 -32.59
C GLY A 42 -12.71 -10.02 -32.50
N GLY A 43 -12.75 -8.75 -32.07
CA GLY A 43 -14.00 -7.98 -31.95
C GLY A 43 -14.69 -8.19 -30.61
N TYR A 44 -13.92 -8.50 -29.56
CA TYR A 44 -14.50 -8.90 -28.30
C TYR A 44 -14.73 -7.77 -27.31
N PHE A 45 -14.01 -6.67 -27.53
CA PHE A 45 -14.03 -5.53 -26.65
C PHE A 45 -14.99 -4.46 -27.09
N ALA A 46 -15.85 -4.02 -26.16
CA ALA A 46 -16.71 -2.87 -26.40
C ALA A 46 -15.89 -1.60 -26.13
N SER A 47 -16.17 -0.52 -26.84
CA SER A 47 -15.47 0.76 -26.59
C SER A 47 -15.67 1.35 -25.19
N THR A 48 -16.76 0.92 -24.54
CA THR A 48 -17.11 1.27 -23.15
C THR A 48 -16.31 0.46 -22.11
N LEU A 49 -15.62 -0.60 -22.53
CA LEU A 49 -14.82 -1.42 -21.61
C LEU A 49 -13.71 -0.61 -20.95
N GLN A 50 -13.72 -0.61 -19.61
CA GLN A 50 -12.69 0.01 -18.81
C GLN A 50 -11.45 -0.87 -18.81
N ILE A 51 -10.35 -0.31 -19.26
CA ILE A 51 -9.05 -0.99 -19.33
C ILE A 51 -7.97 -0.17 -18.61
N SER A 52 -6.84 -0.81 -18.32
CA SER A 52 -5.70 -0.14 -17.69
C SER A 52 -4.34 -0.71 -18.11
N ARG A 53 -3.41 0.18 -18.45
CA ARG A 53 -2.01 -0.19 -18.67
C ARG A 53 -1.32 -0.19 -17.31
N LEU A 54 -0.66 -1.29 -16.98
CA LEU A 54 0.06 -1.38 -15.70
C LEU A 54 1.36 -0.60 -15.78
N GLY A 55 1.60 0.26 -14.79
CA GLY A 55 2.78 1.11 -14.75
C GLY A 55 4.08 0.35 -14.53
N SER A 56 4.38 -0.61 -15.41
CA SER A 56 5.59 -1.40 -15.29
C SER A 56 6.85 -0.65 -15.77
N THR A 57 6.67 0.31 -16.68
CA THR A 57 7.74 1.15 -17.25
C THR A 57 7.22 2.59 -17.41
N PRO A 58 8.13 3.57 -17.63
CA PRO A 58 7.56 4.89 -17.98
C PRO A 58 6.89 4.84 -19.36
N GLU A 59 6.04 5.83 -19.62
CA GLU A 59 5.34 5.96 -20.91
C GLU A 59 4.89 7.39 -21.17
N THR A 60 4.85 7.78 -22.44
CA THR A 60 4.66 9.20 -22.78
C THR A 60 3.20 9.69 -22.98
N LEU A 61 2.22 8.80 -22.94
CA LEU A 61 0.83 9.21 -23.10
C LEU A 61 0.22 9.72 -21.78
N GLY A 62 0.60 9.08 -20.67
CA GLY A 62 0.13 9.44 -19.34
C GLY A 62 -1.11 8.66 -18.99
N ILE A 63 -1.01 7.33 -18.94
CA ILE A 63 -2.13 6.42 -18.62
C ILE A 63 -1.71 5.32 -17.64
N ASN A 64 -0.46 5.31 -17.21
CA ASN A 64 -0.02 4.34 -16.21
C ASN A 64 -1.01 4.21 -15.07
N ASP A 65 -1.41 2.97 -14.81
CA ASP A 65 -2.22 2.59 -13.65
C ASP A 65 -3.60 3.26 -13.50
N ILE A 66 -4.10 3.96 -14.52
CA ILE A 66 -5.45 4.54 -14.47
C ILE A 66 -6.49 3.65 -15.17
N PHE A 67 -7.77 3.76 -14.80
CA PHE A 67 -8.84 3.08 -15.55
C PHE A 67 -9.61 4.07 -16.44
N ILE A 68 -9.56 3.80 -17.75
CA ILE A 68 -10.24 4.58 -18.78
C ILE A 68 -10.92 3.63 -19.73
N THR A 69 -11.98 4.11 -20.41
CA THR A 69 -12.66 3.29 -21.41
C THR A 69 -11.72 3.10 -22.61
N LEU A 70 -11.93 2.00 -23.33
CA LEU A 70 -11.21 1.68 -24.56
C LEU A 70 -11.37 2.81 -25.58
N GLY A 71 -12.60 3.35 -25.67
CA GLY A 71 -12.91 4.51 -26.51
C GLY A 71 -12.10 5.75 -26.22
N GLU A 72 -11.80 5.94 -24.93
CA GLU A 72 -11.02 7.08 -24.47
C GLU A 72 -9.52 6.87 -24.73
N LEU A 73 -9.05 5.63 -24.59
CA LEU A 73 -7.68 5.30 -24.93
C LEU A 73 -7.41 5.69 -26.38
N MSE A 74 -8.40 5.46 -27.23
CA MSE A 74 -8.26 5.73 -28.67
C MSE A 74 -8.32 7.21 -29.03
O MSE A 74 -7.56 7.63 -29.91
CB MSE A 74 -9.28 4.91 -29.45
CG MSE A 74 -8.96 3.44 -29.34
SE MSE A 74 -10.16 2.35 -30.39
CE MSE A 74 -11.67 2.44 -29.17
N THR A 75 -9.17 7.98 -28.34
CA THR A 75 -9.20 9.45 -28.49
C THR A 75 -7.85 10.08 -28.12
N LYS A 76 -7.15 9.48 -27.15
CA LYS A 76 -5.83 9.90 -26.69
C LYS A 76 -4.69 9.60 -27.66
N LEU A 77 -4.76 8.43 -28.31
CA LEU A 77 -3.76 8.01 -29.28
C LEU A 77 -3.87 8.78 -30.59
N GLU A 78 -5.13 9.12 -30.92
CA GLU A 78 -5.52 9.85 -32.13
C GLU A 78 -5.29 9.09 -33.44
N LYS A 79 -4.62 7.94 -33.37
CA LYS A 79 -4.43 7.04 -34.50
C LYS A 79 -4.02 5.68 -34.02
N TYR A 80 -4.61 4.64 -34.62
CA TYR A 80 -4.22 3.24 -34.37
C TYR A 80 -4.05 2.49 -35.71
N ASP A 81 -3.22 1.46 -35.69
CA ASP A 81 -2.87 0.65 -36.85
C ASP A 81 -3.82 -0.57 -37.01
N THR A 82 -3.63 -1.58 -36.17
CA THR A 82 -4.48 -2.78 -36.15
C THR A 82 -5.28 -2.80 -34.86
N ASP A 83 -4.71 -2.19 -33.80
CA ASP A 83 -5.29 -2.13 -32.47
C ASP A 83 -4.56 -1.11 -31.60
N PRO A 84 -5.28 -0.46 -30.64
CA PRO A 84 -4.70 0.55 -29.74
C PRO A 84 -3.59 0.05 -28.78
N PHE A 85 -3.63 -1.23 -28.40
CA PHE A 85 -2.64 -1.81 -27.48
C PHE A 85 -1.25 -1.90 -28.09
N THR A 86 -1.17 -2.46 -29.30
CA THR A 86 0.08 -2.56 -30.03
C THR A 86 0.58 -1.15 -30.35
N THR A 87 -0.35 -0.27 -30.73
CA THR A 87 -0.03 1.10 -31.12
C THR A 87 0.64 1.81 -29.93
N PHE A 88 0.01 1.67 -28.76
CA PHE A 88 0.51 2.25 -27.51
C PHE A 88 1.96 1.86 -27.24
N ASP A 89 2.24 0.56 -27.20
CA ASP A 89 3.57 0.04 -26.95
C ASP A 89 4.59 0.53 -27.97
N LYS A 90 4.17 0.57 -29.25
CA LYS A 90 5.02 1.07 -30.32
C LYS A 90 5.35 2.57 -30.13
N LEU A 91 4.32 3.38 -29.90
CA LEU A 91 4.45 4.83 -29.85
C LEU A 91 4.79 5.44 -28.49
N HIS A 92 4.45 4.79 -27.39
CA HIS A 92 4.60 5.44 -26.09
C HIS A 92 5.46 4.77 -25.02
N VAL A 93 5.92 3.54 -25.24
CA VAL A 93 6.65 2.82 -24.17
C VAL A 93 8.18 2.99 -24.24
N SER B 13 -10.79 -7.93 15.36
CA SER B 13 -11.70 -6.81 14.97
C SER B 13 -11.22 -6.19 13.65
N VAL B 14 -11.90 -6.51 12.55
CA VAL B 14 -11.40 -6.11 11.25
C VAL B 14 -12.01 -4.79 10.77
N GLU B 15 -11.16 -3.90 10.29
CA GLU B 15 -11.63 -2.72 9.59
C GLU B 15 -11.19 -2.89 8.14
N SER B 16 -12.08 -2.61 7.20
CA SER B 16 -11.78 -2.70 5.78
C SER B 16 -10.92 -1.56 5.20
N SER B 17 -10.33 -1.82 4.04
CA SER B 17 -9.65 -0.82 3.23
C SER B 17 -10.38 -0.79 1.91
N TRP B 18 -10.41 0.38 1.29
CA TRP B 18 -11.22 0.66 0.13
C TRP B 18 -10.40 1.41 -0.90
N ARG B 19 -10.75 1.24 -2.17
CA ARG B 19 -10.19 2.03 -3.26
C ARG B 19 -11.35 2.67 -4.00
N TYR B 20 -11.07 3.74 -4.74
CA TYR B 20 -12.07 4.31 -5.65
C TYR B 20 -11.42 4.93 -6.91
N ILE B 21 -12.21 4.96 -7.98
CA ILE B 21 -11.79 5.51 -9.25
C ILE B 21 -12.40 6.92 -9.39
N ASP B 22 -11.55 7.89 -9.70
CA ASP B 22 -12.08 9.24 -9.94
C ASP B 22 -12.50 9.42 -11.40
N THR B 23 -12.90 10.64 -11.74
CA THR B 23 -13.37 11.00 -13.08
C THR B 23 -12.27 10.89 -14.15
N GLN B 24 -10.99 11.04 -13.77
CA GLN B 24 -9.86 10.91 -14.73
C GLN B 24 -9.41 9.47 -14.88
N GLY B 25 -10.01 8.56 -14.12
CA GLY B 25 -9.61 7.17 -14.13
C GLY B 25 -8.54 6.78 -13.12
N GLN B 26 -8.17 7.71 -12.24
CA GLN B 26 -7.15 7.45 -11.23
C GLN B 26 -7.70 6.70 -10.02
N ILE B 27 -6.94 5.69 -9.59
CA ILE B 27 -7.26 4.84 -8.47
C ILE B 27 -6.67 5.43 -7.20
N HIS B 28 -7.57 5.76 -6.28
CA HIS B 28 -7.23 6.37 -4.99
C HIS B 28 -7.41 5.41 -3.86
N GLY B 29 -6.45 5.46 -2.94
CA GLY B 29 -6.47 4.63 -1.77
C GLY B 29 -5.26 3.74 -1.66
N PRO B 30 -5.35 2.66 -0.88
CA PRO B 30 -6.52 2.24 -0.05
C PRO B 30 -6.74 3.09 1.20
N PHE B 31 -8.01 3.36 1.50
CA PHE B 31 -8.42 4.16 2.63
C PHE B 31 -9.32 3.32 3.53
N THR B 32 -9.20 3.54 4.84
CA THR B 32 -9.98 2.78 5.82
C THR B 32 -11.47 3.15 5.71
N THR B 33 -12.31 2.27 6.22
CA THR B 33 -13.75 2.47 6.37
C THR B 33 -14.03 3.82 7.02
N GLN B 34 -13.37 4.07 8.15
CA GLN B 34 -13.44 5.31 8.93
C GLN B 34 -13.32 6.51 8.00
N MSE B 35 -12.28 6.50 7.17
CA MSE B 35 -12.04 7.59 6.25
C MSE B 35 -13.17 7.73 5.22
O MSE B 35 -13.66 8.84 4.99
CB MSE B 35 -10.67 7.45 5.62
CG MSE B 35 -9.54 7.59 6.63
SE MSE B 35 -7.87 6.96 5.80
CE MSE B 35 -7.44 8.54 4.74
N MSE B 36 -13.57 6.60 4.64
CA MSE B 36 -14.65 6.53 3.65
C MSE B 36 -15.97 7.00 4.24
O MSE B 36 -16.74 7.72 3.60
CB MSE B 36 -14.78 5.10 3.11
CG MSE B 36 -13.50 4.61 2.43
SE MSE B 36 -13.10 5.61 0.79
CE MSE B 36 -14.33 4.66 -0.40
N SER B 37 -16.22 6.58 5.48
CA SER B 37 -17.35 7.00 6.28
C SER B 37 -17.39 8.54 6.44
N GLN B 38 -16.30 9.15 6.90
CA GLN B 38 -16.19 10.62 6.99
C GLN B 38 -16.56 11.29 5.67
N TRP B 39 -15.94 10.88 4.56
CA TRP B 39 -16.22 11.48 3.25
C TRP B 39 -17.65 11.31 2.75
N TYR B 40 -18.26 10.16 3.05
CA TYR B 40 -19.65 9.89 2.73
C TYR B 40 -20.56 10.89 3.48
N ILE B 41 -20.40 10.97 4.80
CA ILE B 41 -21.12 11.90 5.67
C ILE B 41 -20.95 13.35 5.19
N GLY B 42 -19.75 13.69 4.73
CA GLY B 42 -19.48 15.01 4.13
C GLY B 42 -20.16 15.25 2.78
N GLY B 43 -20.80 14.21 2.23
CA GLY B 43 -21.57 14.30 0.99
C GLY B 43 -20.73 14.37 -0.27
N TYR B 44 -19.51 13.83 -0.22
CA TYR B 44 -18.53 13.91 -1.29
C TYR B 44 -18.64 12.81 -2.34
N PHE B 45 -19.27 11.69 -1.98
CA PHE B 45 -19.35 10.56 -2.87
C PHE B 45 -20.67 10.54 -3.65
N ALA B 46 -20.55 10.60 -4.98
CA ALA B 46 -21.69 10.39 -5.86
C ALA B 46 -22.06 8.91 -5.84
N SER B 47 -23.35 8.62 -6.05
CA SER B 47 -23.87 7.24 -6.12
C SER B 47 -23.26 6.42 -7.27
N THR B 48 -22.75 7.12 -8.28
CA THR B 48 -22.14 6.48 -9.45
C THR B 48 -20.65 6.18 -9.28
N LEU B 49 -20.06 6.62 -8.16
CA LEU B 49 -18.63 6.44 -7.87
C LEU B 49 -18.26 4.98 -7.74
N GLN B 50 -17.30 4.56 -8.55
CA GLN B 50 -16.80 3.19 -8.52
C GLN B 50 -15.88 3.04 -7.33
N ILE B 51 -16.19 2.07 -6.48
CA ILE B 51 -15.43 1.78 -5.26
C ILE B 51 -15.18 0.28 -5.15
N SER B 52 -14.23 -0.10 -4.29
CA SER B 52 -13.89 -1.49 -4.05
C SER B 52 -13.42 -1.79 -2.63
N ARG B 53 -13.96 -2.87 -2.07
CA ARG B 53 -13.52 -3.39 -0.79
C ARG B 53 -12.42 -4.38 -1.11
N LEU B 54 -11.22 -4.05 -0.68
CA LEU B 54 -10.07 -4.92 -0.79
C LEU B 54 -10.32 -6.21 -0.02
N GLY B 55 -10.04 -7.34 -0.64
CA GLY B 55 -10.35 -8.63 -0.03
C GLY B 55 -9.35 -9.02 1.05
N SER B 56 -9.30 -8.24 2.12
CA SER B 56 -8.43 -8.59 3.23
C SER B 56 -8.96 -9.78 4.07
N THR B 57 -10.27 -9.95 4.14
CA THR B 57 -10.89 -11.05 4.91
C THR B 57 -12.08 -11.66 4.18
N PRO B 58 -12.57 -12.86 4.62
CA PRO B 58 -13.87 -13.29 4.06
C PRO B 58 -14.97 -12.33 4.48
N GLU B 59 -16.02 -12.29 3.67
CA GLU B 59 -17.18 -11.45 3.89
C GLU B 59 -18.41 -12.07 3.24
N THR B 60 -19.61 -11.67 3.65
CA THR B 60 -20.82 -12.37 3.19
C THR B 60 -21.64 -11.66 2.11
N LEU B 61 -21.32 -10.41 1.77
CA LEU B 61 -22.08 -9.73 0.72
C LEU B 61 -21.64 -10.13 -0.70
N GLY B 62 -20.40 -10.62 -0.85
CA GLY B 62 -19.82 -11.01 -2.15
C GLY B 62 -19.42 -9.79 -2.93
N ILE B 63 -18.45 -9.02 -2.41
CA ILE B 63 -17.93 -7.79 -3.03
C ILE B 63 -16.40 -7.68 -3.01
N ASN B 64 -15.68 -8.64 -2.43
CA ASN B 64 -14.20 -8.57 -2.38
C ASN B 64 -13.58 -8.28 -3.73
N ASP B 65 -12.71 -7.27 -3.78
CA ASP B 65 -11.84 -7.01 -4.93
C ASP B 65 -12.54 -6.69 -6.25
N ILE B 66 -13.83 -6.35 -6.22
CA ILE B 66 -14.54 -5.93 -7.44
C ILE B 66 -14.80 -4.42 -7.43
N PHE B 67 -14.99 -3.79 -8.60
CA PHE B 67 -15.40 -2.38 -8.61
C PHE B 67 -16.90 -2.30 -8.86
N ILE B 68 -17.62 -1.73 -7.91
CA ILE B 68 -19.05 -1.48 -8.09
C ILE B 68 -19.34 -0.04 -7.72
N THR B 69 -20.47 0.50 -8.17
CA THR B 69 -20.80 1.89 -7.79
C THR B 69 -21.30 1.94 -6.35
N LEU B 70 -21.17 3.12 -5.74
CA LEU B 70 -21.68 3.39 -4.40
C LEU B 70 -23.15 3.00 -4.29
N GLY B 71 -23.94 3.35 -5.30
CA GLY B 71 -25.34 2.97 -5.41
C GLY B 71 -25.55 1.48 -5.33
N GLU B 72 -24.78 0.75 -6.14
CA GLU B 72 -24.86 -0.71 -6.23
C GLU B 72 -24.52 -1.35 -4.88
N LEU B 73 -23.54 -0.78 -4.17
CA LEU B 73 -23.20 -1.27 -2.84
C LEU B 73 -24.40 -1.14 -1.91
N MSE B 74 -25.06 0.01 -1.97
CA MSE B 74 -26.20 0.31 -1.10
C MSE B 74 -27.35 -0.62 -1.39
O MSE B 74 -27.96 -1.14 -0.45
CB MSE B 74 -26.61 1.78 -1.23
CG MSE B 74 -25.49 2.66 -0.73
SE MSE B 74 -25.84 4.57 -0.69
CE MSE B 74 -26.01 5.05 -2.58
N THR B 75 -27.62 -0.83 -2.68
CA THR B 75 -28.63 -1.79 -3.13
C THR B 75 -28.31 -3.19 -2.62
N LYS B 76 -27.06 -3.64 -2.77
CA LYS B 76 -26.68 -4.99 -2.30
C LYS B 76 -26.94 -5.18 -0.81
N LEU B 77 -26.55 -4.16 -0.03
CA LEU B 77 -26.75 -4.15 1.40
C LEU B 77 -28.22 -4.28 1.78
N GLU B 78 -29.10 -3.54 1.09
CA GLU B 78 -30.55 -3.63 1.35
C GLU B 78 -31.07 -5.00 0.98
N LYS B 79 -30.84 -5.41 -0.27
CA LYS B 79 -31.33 -6.66 -0.83
C LYS B 79 -30.98 -7.87 0.04
N TYR B 80 -29.84 -7.79 0.72
CA TYR B 80 -29.36 -8.87 1.59
C TYR B 80 -30.34 -9.21 2.72
N ASP B 81 -31.14 -8.23 3.13
CA ASP B 81 -32.17 -8.39 4.15
C ASP B 81 -31.60 -8.93 5.49
N THR B 82 -30.58 -8.22 6.03
CA THR B 82 -30.11 -8.54 7.40
C THR B 82 -31.25 -8.11 8.32
N ASP B 83 -31.76 -9.04 9.15
CA ASP B 83 -32.91 -8.77 10.02
C ASP B 83 -32.75 -7.44 10.84
N PRO B 84 -33.86 -6.70 11.00
CA PRO B 84 -33.85 -5.42 11.72
C PRO B 84 -33.27 -5.48 13.15
N PHE B 85 -33.48 -6.58 13.87
CA PHE B 85 -33.04 -6.68 15.27
C PHE B 85 -31.54 -6.81 15.38
N THR B 86 -30.96 -7.67 14.52
CA THR B 86 -29.52 -7.83 14.42
C THR B 86 -28.90 -6.53 13.90
N THR B 87 -29.56 -5.89 12.92
CA THR B 87 -29.01 -4.67 12.30
C THR B 87 -28.89 -3.64 13.41
N PHE B 88 -30.02 -3.38 14.09
CA PHE B 88 -30.08 -2.43 15.19
C PHE B 88 -28.95 -2.71 16.17
N ASP B 89 -28.92 -3.93 16.73
CA ASP B 89 -27.86 -4.34 17.64
C ASP B 89 -26.45 -4.04 17.10
N LYS B 90 -26.17 -4.39 15.85
CA LYS B 90 -24.83 -4.20 15.29
C LYS B 90 -24.51 -2.74 14.98
N LEU B 91 -25.52 -1.91 14.74
CA LEU B 91 -25.30 -0.53 14.30
C LEU B 91 -25.55 0.58 15.32
N HIS B 92 -26.46 0.37 16.27
CA HIS B 92 -26.87 1.46 17.16
C HIS B 92 -26.61 1.25 18.62
N VAL B 93 -26.38 0.02 19.05
CA VAL B 93 -26.21 -0.26 20.48
C VAL B 93 -24.84 0.22 21.00
N GLN B 94 -24.92 1.09 21.99
CA GLN B 94 -23.75 1.57 22.71
C GLN B 94 -23.58 0.72 23.98
N THR B 95 -22.39 0.73 24.56
CA THR B 95 -22.07 -0.13 25.71
C THR B 95 -22.81 0.32 26.98
N THR B 96 -22.76 -0.58 27.95
CA THR B 96 -23.32 -0.43 29.29
C THR B 96 -22.63 0.66 30.12
N PRO C 11 -9.68 18.76 7.19
CA PRO C 11 -8.33 18.31 7.54
C PRO C 11 -8.30 16.82 7.93
N VAL C 12 -8.48 15.94 6.94
CA VAL C 12 -8.69 14.48 7.16
C VAL C 12 -7.56 13.67 7.79
N SER C 13 -7.94 12.84 8.77
CA SER C 13 -7.00 12.04 9.54
C SER C 13 -6.77 10.69 8.88
N VAL C 14 -5.52 10.46 8.48
CA VAL C 14 -5.15 9.29 7.68
C VAL C 14 -4.64 8.12 8.54
N GLU C 15 -5.26 6.95 8.38
CA GLU C 15 -4.77 5.71 8.96
C GLU C 15 -4.24 4.87 7.80
N SER C 16 -3.10 4.21 7.99
CA SER C 16 -2.50 3.45 6.91
C SER C 16 -3.06 2.04 6.76
N SER C 17 -2.84 1.46 5.57
CA SER C 17 -3.10 0.05 5.29
C SER C 17 -1.78 -0.63 5.09
N TRP C 18 -1.69 -1.87 5.55
CA TRP C 18 -0.45 -2.62 5.50
C TRP C 18 -0.62 -4.01 4.88
N ARG C 19 0.46 -4.53 4.31
CA ARG C 19 0.50 -5.91 3.84
C ARG C 19 1.69 -6.61 4.47
N TYR C 20 1.59 -7.92 4.62
CA TYR C 20 2.76 -8.71 4.98
C TYR C 20 2.83 -10.01 4.19
N ILE C 21 4.04 -10.54 4.11
CA ILE C 21 4.29 -11.79 3.42
C ILE C 21 4.59 -12.84 4.50
N ASP C 22 3.84 -13.94 4.50
CA ASP C 22 4.10 -15.02 5.45
C ASP C 22 5.25 -15.88 4.93
N THR C 23 5.72 -16.81 5.76
CA THR C 23 6.86 -17.67 5.42
C THR C 23 6.60 -18.61 4.23
N GLN C 24 5.33 -18.79 3.83
CA GLN C 24 5.03 -19.53 2.59
C GLN C 24 4.98 -18.59 1.37
N GLY C 25 5.35 -17.33 1.54
CA GLY C 25 5.30 -16.36 0.45
C GLY C 25 3.93 -15.77 0.16
N GLN C 26 2.92 -16.14 0.96
CA GLN C 26 1.56 -15.64 0.76
C GLN C 26 1.36 -14.24 1.31
N ILE C 27 0.69 -13.38 0.55
CA ILE C 27 0.50 -11.96 0.87
C ILE C 27 -0.83 -11.68 1.57
N HIS C 28 -0.76 -11.26 2.83
CA HIS C 28 -1.95 -10.93 3.62
C HIS C 28 -2.17 -9.43 3.78
N GLY C 29 -3.43 -9.04 3.80
CA GLY C 29 -3.82 -7.64 3.89
C GLY C 29 -4.73 -7.14 2.77
N PRO C 30 -4.91 -5.81 2.65
CA PRO C 30 -4.44 -4.79 3.61
C PRO C 30 -5.15 -4.85 4.96
N PHE C 31 -4.38 -4.55 6.00
CA PHE C 31 -4.85 -4.40 7.36
C PHE C 31 -4.49 -2.99 7.84
N THR C 32 -5.34 -2.42 8.67
CA THR C 32 -5.13 -1.07 9.18
C THR C 32 -3.99 -1.08 10.19
N THR C 33 -3.39 0.09 10.38
CA THR C 33 -2.39 0.35 11.39
C THR C 33 -2.84 -0.19 12.75
N GLN C 34 -4.11 0.06 13.09
CA GLN C 34 -4.64 -0.34 14.37
C GLN C 34 -4.60 -1.86 14.58
N MSE C 35 -4.97 -2.62 13.56
CA MSE C 35 -4.93 -4.08 13.62
CA MSE C 35 -4.92 -4.08 13.64
C MSE C 35 -3.47 -4.54 13.74
O MSE C 35 -3.16 -5.40 14.58
CB MSE C 35 -5.61 -4.71 12.39
CB MSE C 35 -5.65 -4.73 12.46
CG MSE C 35 -7.10 -4.35 12.13
CG MSE C 35 -5.75 -6.23 12.59
SE MSE C 35 -7.71 -4.77 10.29
SE MSE C 35 -7.05 -6.90 13.86
CE MSE C 35 -7.68 -6.72 10.44
CE MSE C 35 -8.18 -7.91 12.66
N MSE C 36 -2.60 -3.95 12.93
CA MSE C 36 -1.15 -4.26 12.91
C MSE C 36 -0.51 -4.00 14.28
O MSE C 36 0.30 -4.80 14.77
CB MSE C 36 -0.40 -3.47 11.84
CG MSE C 36 -0.83 -3.77 10.40
SE MSE C 36 -0.34 -5.55 9.77
CE MSE C 36 1.60 -5.34 9.60
N SER C 37 -0.89 -2.86 14.86
CA SER C 37 -0.50 -2.48 16.22
C SER C 37 -0.81 -3.57 17.24
N GLN C 38 -2.09 -3.97 17.31
CA GLN C 38 -2.53 -5.02 18.21
C GLN C 38 -1.77 -6.32 18.04
N TRP C 39 -1.58 -6.76 16.80
CA TRP C 39 -0.78 -7.97 16.55
C TRP C 39 0.68 -7.78 16.97
N TYR C 40 1.24 -6.59 16.77
CA TYR C 40 2.58 -6.30 17.26
C TYR C 40 2.58 -6.34 18.78
N ILE C 41 1.63 -5.62 19.41
CA ILE C 41 1.44 -5.54 20.87
C ILE C 41 1.24 -6.93 21.50
N GLY C 42 0.62 -7.84 20.75
CA GLY C 42 0.42 -9.21 21.19
C GLY C 42 1.62 -10.11 20.89
N GLY C 43 2.67 -9.52 20.32
CA GLY C 43 3.93 -10.20 20.01
C GLY C 43 3.88 -11.29 18.96
N TYR C 44 3.09 -11.10 17.91
CA TYR C 44 2.92 -12.11 16.87
C TYR C 44 3.88 -11.94 15.69
N PHE C 45 4.49 -10.77 15.59
CA PHE C 45 5.37 -10.43 14.50
C PHE C 45 6.86 -10.64 14.79
N ALA C 46 7.50 -11.46 13.96
CA ALA C 46 8.97 -11.57 13.96
C ALA C 46 9.58 -10.30 13.32
N SER C 47 10.69 -9.83 13.87
CA SER C 47 11.45 -8.68 13.33
C SER C 47 11.83 -8.86 11.85
N THR C 48 12.00 -10.13 11.45
CA THR C 48 12.33 -10.52 10.08
C THR C 48 11.15 -10.43 9.09
N LEU C 49 9.94 -10.25 9.61
CA LEU C 49 8.72 -10.18 8.80
C LEU C 49 8.67 -9.01 7.81
N GLN C 50 8.54 -9.36 6.52
CA GLN C 50 8.41 -8.38 5.46
C GLN C 50 7.03 -7.73 5.49
N ILE C 51 7.02 -6.42 5.64
CA ILE C 51 5.78 -5.65 5.72
C ILE C 51 5.79 -4.58 4.64
N SER C 52 4.62 -4.03 4.35
CA SER C 52 4.54 -2.94 3.39
C SER C 52 3.43 -1.97 3.72
N ARG C 53 3.76 -0.68 3.61
CA ARG C 53 2.79 0.39 3.79
C ARG C 53 2.33 0.82 2.40
N LEU C 54 1.07 0.52 2.11
CA LEU C 54 0.42 0.89 0.87
C LEU C 54 0.49 2.41 0.68
N GLY C 55 0.83 2.80 -0.54
CA GLY C 55 1.10 4.21 -0.85
C GLY C 55 -0.15 5.04 -1.00
N SER C 56 -1.03 4.99 0.01
CA SER C 56 -2.30 5.73 -0.05
C SER C 56 -2.13 7.25 0.03
N THR C 57 -1.04 7.70 0.66
CA THR C 57 -0.75 9.13 0.85
C THR C 57 0.74 9.42 0.85
N PRO C 58 1.14 10.69 0.57
CA PRO C 58 2.57 11.06 0.78
C PRO C 58 3.01 10.81 2.21
N GLU C 59 4.28 10.47 2.37
CA GLU C 59 4.88 10.20 3.68
C GLU C 59 6.37 10.47 3.63
N THR C 60 6.92 10.92 4.75
CA THR C 60 8.32 11.41 4.79
C THR C 60 9.39 10.35 5.07
N LEU C 61 9.00 9.15 5.51
CA LEU C 61 10.03 8.15 5.83
C LEU C 61 10.64 7.53 4.56
N GLY C 62 9.87 7.52 3.47
CA GLY C 62 10.27 6.92 2.19
C GLY C 62 10.13 5.42 2.21
N ILE C 63 8.93 4.93 2.55
CA ILE C 63 8.68 3.47 2.59
C ILE C 63 7.51 3.01 1.68
N ASN C 64 6.73 3.95 1.16
CA ASN C 64 5.57 3.65 0.32
C ASN C 64 5.75 2.52 -0.69
N ASP C 65 4.94 1.48 -0.53
CA ASP C 65 4.85 0.38 -1.49
C ASP C 65 6.10 -0.47 -1.62
N ILE C 66 6.99 -0.43 -0.63
CA ILE C 66 8.20 -1.27 -0.67
C ILE C 66 8.03 -2.36 0.38
N PHE C 67 8.79 -3.44 0.28
CA PHE C 67 8.73 -4.53 1.27
C PHE C 67 10.03 -4.56 2.08
N ILE C 68 9.92 -4.14 3.33
CA ILE C 68 11.04 -4.15 4.29
C ILE C 68 10.66 -4.99 5.50
N THR C 69 11.67 -5.53 6.17
CA THR C 69 11.44 -6.35 7.35
C THR C 69 11.02 -5.41 8.47
N LEU C 70 10.28 -5.93 9.45
CA LEU C 70 9.81 -5.14 10.61
C LEU C 70 10.98 -4.47 11.34
N GLY C 71 12.08 -5.22 11.44
CA GLY C 71 13.34 -4.72 11.99
C GLY C 71 13.74 -3.43 11.31
N GLU C 72 13.83 -3.47 9.99
CA GLU C 72 14.24 -2.31 9.18
C GLU C 72 13.31 -1.13 9.33
N LEU C 73 12.01 -1.37 9.43
CA LEU C 73 11.04 -0.29 9.64
C LEU C 73 11.38 0.48 10.92
N MSE C 74 11.63 -0.25 12.00
CA MSE C 74 12.02 0.33 13.29
C MSE C 74 13.33 1.09 13.22
O MSE C 74 13.44 2.19 13.78
CB MSE C 74 12.06 -0.75 14.38
CG MSE C 74 10.68 -1.29 14.67
SE MSE C 74 10.67 -2.96 15.67
CE MSE C 74 10.96 -2.21 17.47
N THR C 75 14.32 0.51 12.53
CA THR C 75 15.63 1.14 12.31
C THR C 75 15.43 2.46 11.56
N LYS C 76 14.65 2.43 10.48
CA LYS C 76 14.32 3.63 9.70
C LYS C 76 13.70 4.72 10.58
N LEU C 77 12.76 4.32 11.44
CA LEU C 77 12.06 5.25 12.35
C LEU C 77 13.01 5.98 13.31
N GLU C 78 13.90 5.23 13.97
CA GLU C 78 14.93 5.78 14.85
C GLU C 78 15.85 6.70 14.08
N LYS C 79 16.45 6.16 13.02
CA LYS C 79 17.49 6.84 12.24
C LYS C 79 17.01 8.15 11.65
N TYR C 80 15.69 8.34 11.51
CA TYR C 80 15.16 9.61 10.99
C TYR C 80 15.41 10.78 11.94
N ASP C 81 15.46 10.48 13.24
CA ASP C 81 15.72 11.48 14.27
C ASP C 81 14.62 12.58 14.24
N THR C 82 13.35 12.18 14.42
CA THR C 82 12.30 13.15 14.67
C THR C 82 12.63 13.69 16.08
N ASP C 83 12.66 15.02 16.23
CA ASP C 83 12.99 15.67 17.52
C ASP C 83 12.08 15.15 18.68
N PRO C 84 12.63 15.07 19.90
CA PRO C 84 11.86 14.55 21.04
C PRO C 84 10.59 15.35 21.36
N PHE C 85 10.62 16.66 21.15
CA PHE C 85 9.49 17.54 21.47
C PHE C 85 8.30 17.26 20.57
N THR C 86 8.52 17.21 19.26
CA THR C 86 7.49 16.84 18.29
C THR C 86 7.03 15.40 18.55
N THR C 87 7.98 14.49 18.79
CA THR C 87 7.69 13.08 19.03
C THR C 87 6.74 12.95 20.21
N PHE C 88 7.11 13.58 21.33
CA PHE C 88 6.27 13.64 22.51
C PHE C 88 4.86 14.10 22.15
N ASP C 89 4.77 15.24 21.47
CA ASP C 89 3.50 15.85 21.13
C ASP C 89 2.58 14.99 20.24
N LYS C 90 3.17 14.31 19.27
CA LYS C 90 2.40 13.51 18.32
C LYS C 90 1.97 12.16 18.88
N LEU C 91 2.72 11.66 19.86
CA LEU C 91 2.52 10.32 20.40
C LEU C 91 1.86 10.24 21.76
N HIS C 92 2.12 11.21 22.64
CA HIS C 92 1.66 11.09 24.03
C HIS C 92 0.61 12.07 24.54
N VAL C 93 0.48 13.21 23.86
CA VAL C 93 -0.42 14.26 24.31
C VAL C 93 -1.87 13.87 24.03
N GLN C 94 -2.63 13.74 25.10
CA GLN C 94 -4.08 13.58 25.04
C GLN C 94 -4.68 14.99 25.07
N THR C 95 -6.00 15.08 24.95
CA THR C 95 -6.64 16.38 24.73
C THR C 95 -7.14 17.05 26.01
N THR C 96 -7.33 18.36 25.87
CA THR C 96 -7.99 19.24 26.83
C THR C 96 -9.35 18.69 27.28
N VAL D 12 -6.03 -20.48 -27.16
CA VAL D 12 -5.95 -19.16 -26.42
C VAL D 12 -4.64 -19.06 -25.61
N SER D 13 -3.57 -18.56 -26.26
CA SER D 13 -2.21 -18.63 -25.69
C SER D 13 -1.83 -17.54 -24.65
N VAL D 14 -1.69 -18.00 -23.41
CA VAL D 14 -1.41 -17.14 -22.27
C VAL D 14 0.08 -16.98 -22.00
N GLU D 15 0.50 -15.74 -21.80
CA GLU D 15 1.84 -15.45 -21.37
C GLU D 15 1.71 -14.73 -20.03
N SER D 16 2.41 -15.24 -19.03
CA SER D 16 2.36 -14.68 -17.68
C SER D 16 3.06 -13.34 -17.54
N SER D 17 2.67 -12.60 -16.49
CA SER D 17 3.37 -11.40 -16.02
C SER D 17 3.94 -11.75 -14.68
N TRP D 18 5.03 -11.07 -14.33
CA TRP D 18 5.79 -11.35 -13.12
C TRP D 18 6.20 -10.07 -12.43
N ARG D 19 6.39 -10.18 -11.12
CA ARG D 19 6.96 -9.11 -10.32
C ARG D 19 8.17 -9.66 -9.59
N TYR D 20 9.11 -8.77 -9.26
CA TYR D 20 10.20 -9.13 -8.36
C TYR D 20 10.47 -8.00 -7.36
N ILE D 21 11.01 -8.39 -6.20
CA ILE D 21 11.41 -7.46 -5.15
C ILE D 21 12.94 -7.37 -5.14
N ASP D 22 13.45 -6.13 -5.22
CA ASP D 22 14.90 -5.92 -5.21
C ASP D 22 15.41 -5.88 -3.77
N THR D 23 16.70 -5.62 -3.60
CA THR D 23 17.34 -5.57 -2.30
C THR D 23 16.98 -4.33 -1.46
N GLN D 24 16.44 -3.27 -2.10
CA GLN D 24 15.93 -2.08 -1.38
C GLN D 24 14.46 -2.26 -1.00
N GLY D 25 13.87 -3.40 -1.36
CA GLY D 25 12.48 -3.71 -1.07
C GLY D 25 11.48 -3.19 -2.10
N GLN D 26 11.99 -2.57 -3.17
CA GLN D 26 11.15 -2.04 -4.25
C GLN D 26 10.62 -3.16 -5.16
N ILE D 27 9.37 -3.03 -5.59
CA ILE D 27 8.65 -3.99 -6.42
C ILE D 27 8.67 -3.55 -7.88
N HIS D 28 9.20 -4.40 -8.76
CA HIS D 28 9.30 -4.09 -10.21
C HIS D 28 8.44 -5.00 -11.05
N GLY D 29 7.79 -4.40 -12.04
CA GLY D 29 6.90 -5.13 -12.92
C GLY D 29 5.51 -4.51 -13.02
N PRO D 30 4.51 -5.25 -13.55
CA PRO D 30 4.59 -6.61 -14.13
C PRO D 30 5.44 -6.67 -15.39
N PHE D 31 6.33 -7.65 -15.50
CA PHE D 31 7.09 -7.89 -16.73
C PHE D 31 6.69 -9.27 -17.28
N THR D 32 6.65 -9.40 -18.61
CA THR D 32 6.26 -10.63 -19.30
C THR D 32 7.27 -11.76 -19.10
N THR D 33 6.81 -13.01 -19.23
CA THR D 33 7.65 -14.20 -19.19
C THR D 33 8.86 -14.03 -20.09
N GLN D 34 8.63 -13.52 -21.31
CA GLN D 34 9.68 -13.32 -22.29
C GLN D 34 10.79 -12.41 -21.76
N MSE D 35 10.41 -11.32 -21.09
CA MSE D 35 11.40 -10.41 -20.52
C MSE D 35 12.19 -11.10 -19.41
O MSE D 35 13.41 -11.03 -19.38
CB MSE D 35 10.75 -9.11 -20.06
CG MSE D 35 10.26 -8.24 -21.21
SE MSE D 35 8.90 -7.00 -20.50
CE MSE D 35 10.16 -5.72 -19.74
N MSE D 36 11.46 -11.79 -18.52
CA MSE D 36 12.06 -12.54 -17.40
C MSE D 36 12.99 -13.65 -17.89
O MSE D 36 14.01 -13.93 -17.25
CB MSE D 36 10.99 -13.14 -16.50
CG MSE D 36 10.02 -12.11 -15.89
SE MSE D 36 10.81 -10.81 -14.67
CE MSE D 36 11.17 -11.99 -13.16
N SER D 37 12.62 -14.25 -19.01
CA SER D 37 13.40 -15.29 -19.66
C SER D 37 14.73 -14.71 -20.12
N GLN D 38 14.66 -13.62 -20.88
CA GLN D 38 15.85 -12.92 -21.36
C GLN D 38 16.84 -12.48 -20.27
N TRP D 39 16.31 -11.95 -19.16
CA TRP D 39 17.12 -11.54 -18.01
C TRP D 39 17.76 -12.72 -17.26
N TYR D 40 17.01 -13.81 -17.12
CA TYR D 40 17.54 -15.04 -16.57
C TYR D 40 18.71 -15.51 -17.44
N ILE D 41 18.45 -15.59 -18.76
CA ILE D 41 19.41 -16.03 -19.75
C ILE D 41 20.69 -15.20 -19.69
N GLY D 42 20.58 -13.92 -19.35
CA GLY D 42 21.74 -13.06 -19.18
C GLY D 42 22.42 -13.15 -17.81
N GLY D 43 21.93 -14.04 -16.94
CA GLY D 43 22.47 -14.25 -15.59
C GLY D 43 22.26 -13.12 -14.57
N TYR D 44 21.33 -12.21 -14.86
CA TYR D 44 21.06 -11.06 -14.00
C TYR D 44 20.28 -11.34 -12.71
N PHE D 45 19.77 -12.57 -12.55
CA PHE D 45 18.95 -12.94 -11.39
C PHE D 45 19.66 -13.89 -10.42
N ALA D 46 19.84 -13.46 -9.18
CA ALA D 46 20.32 -14.34 -8.11
C ALA D 46 19.20 -15.32 -7.74
N SER D 47 19.58 -16.54 -7.35
CA SER D 47 18.61 -17.57 -6.91
C SER D 47 17.74 -17.13 -5.72
N THR D 48 18.24 -16.19 -4.91
CA THR D 48 17.54 -15.66 -3.73
C THR D 48 16.48 -14.59 -4.05
N LEU D 49 16.50 -14.03 -5.26
CA LEU D 49 15.54 -13.00 -5.69
C LEU D 49 14.08 -13.43 -5.57
N GLN D 50 13.30 -12.64 -4.84
CA GLN D 50 11.85 -12.93 -4.67
C GLN D 50 11.10 -12.52 -5.93
N ILE D 51 10.36 -13.50 -6.45
CA ILE D 51 9.58 -13.34 -7.67
C ILE D 51 8.12 -13.73 -7.44
N SER D 52 7.24 -13.29 -8.34
CA SER D 52 5.82 -13.62 -8.25
C SER D 52 5.16 -13.66 -9.61
N ARG D 53 4.40 -14.74 -9.82
CA ARG D 53 3.60 -14.87 -10.99
C ARG D 53 2.24 -14.31 -10.64
N LEU D 54 1.86 -13.26 -11.33
CA LEU D 54 0.54 -12.69 -11.15
C LEU D 54 -0.52 -13.69 -11.62
N GLY D 55 -1.51 -13.91 -10.75
CA GLY D 55 -2.58 -14.87 -10.95
C GLY D 55 -3.60 -14.50 -12.02
N SER D 56 -3.12 -14.24 -13.23
CA SER D 56 -4.01 -13.92 -14.36
C SER D 56 -4.78 -15.13 -14.90
N THR D 57 -4.28 -16.34 -14.65
CA THR D 57 -4.99 -17.56 -15.04
C THR D 57 -4.83 -18.62 -13.97
N PRO D 58 -5.70 -19.67 -13.98
CA PRO D 58 -5.37 -20.85 -13.20
C PRO D 58 -4.06 -21.46 -13.70
N GLU D 59 -3.37 -22.15 -12.79
CA GLU D 59 -2.11 -22.83 -13.06
C GLU D 59 -1.95 -24.00 -12.10
N THR D 60 -1.21 -25.02 -12.49
CA THR D 60 -1.18 -26.26 -11.67
C THR D 60 -0.07 -26.35 -10.61
N LEU D 61 0.87 -25.40 -10.60
CA LEU D 61 2.01 -25.47 -9.68
C LEU D 61 1.67 -25.01 -8.26
N GLY D 62 0.71 -24.09 -8.16
CA GLY D 62 0.29 -23.49 -6.88
C GLY D 62 1.18 -22.33 -6.50
N ILE D 63 1.39 -21.37 -7.42
CA ILE D 63 2.22 -20.18 -7.15
C ILE D 63 1.54 -18.83 -7.40
N ASN D 64 0.32 -18.80 -7.94
CA ASN D 64 -0.39 -17.54 -8.17
C ASN D 64 -0.28 -16.57 -7.00
N ASP D 65 0.16 -15.36 -7.31
CA ASP D 65 0.21 -14.20 -6.42
C ASP D 65 1.07 -14.36 -5.16
N ILE D 66 1.99 -15.33 -5.12
CA ILE D 66 2.87 -15.43 -3.93
C ILE D 66 4.29 -14.94 -4.22
N PHE D 67 5.06 -14.56 -3.21
CA PHE D 67 6.47 -14.24 -3.45
C PHE D 67 7.32 -15.41 -2.98
N ILE D 68 8.00 -16.03 -3.92
CA ILE D 68 8.98 -17.06 -3.61
C ILE D 68 10.29 -16.71 -4.31
N THR D 69 11.40 -17.24 -3.78
CA THR D 69 12.71 -16.98 -4.35
C THR D 69 12.82 -17.76 -5.66
N LEU D 70 13.69 -17.28 -6.55
CA LEU D 70 13.96 -17.95 -7.85
C LEU D 70 14.33 -19.43 -7.69
N GLY D 71 15.15 -19.72 -6.66
CA GLY D 71 15.57 -21.05 -6.29
C GLY D 71 14.38 -21.94 -5.95
N GLU D 72 13.48 -21.39 -5.14
CA GLU D 72 12.29 -22.11 -4.70
C GLU D 72 11.37 -22.41 -5.86
N LEU D 73 11.27 -21.47 -6.81
CA LEU D 73 10.48 -21.69 -8.03
C LEU D 73 10.98 -22.92 -8.77
N MSE D 74 12.30 -23.05 -8.87
CA MSE D 74 12.92 -24.14 -9.63
C MSE D 74 12.74 -25.49 -8.93
O MSE D 74 12.43 -26.49 -9.60
CB MSE D 74 14.38 -23.83 -9.92
CG MSE D 74 14.49 -22.64 -10.84
SE MSE D 74 16.30 -21.97 -11.08
CE MSE D 74 17.04 -23.41 -12.19
N THR D 75 12.91 -25.49 -7.61
CA THR D 75 12.64 -26.65 -6.77
C THR D 75 11.18 -27.09 -6.93
N LYS D 76 10.25 -26.12 -6.95
CA LYS D 76 8.83 -26.39 -7.14
C LYS D 76 8.63 -27.10 -8.49
N LEU D 77 9.25 -26.57 -9.54
CA LEU D 77 9.18 -27.17 -10.89
C LEU D 77 9.66 -28.62 -10.92
N GLU D 78 10.82 -28.89 -10.32
CA GLU D 78 11.38 -30.26 -10.23
C GLU D 78 10.51 -31.17 -9.40
N LYS D 79 10.19 -30.76 -8.16
CA LYS D 79 9.41 -31.57 -7.23
C LYS D 79 8.01 -31.95 -7.72
N TYR D 80 7.43 -31.14 -8.60
CA TYR D 80 6.13 -31.43 -9.22
C TYR D 80 6.18 -32.75 -10.02
N ASP D 81 7.35 -33.02 -10.58
CA ASP D 81 7.64 -34.21 -11.36
C ASP D 81 6.70 -34.38 -12.58
N THR D 82 6.61 -33.34 -13.41
CA THR D 82 5.97 -33.45 -14.72
C THR D 82 6.74 -34.57 -15.45
N ASP D 83 6.02 -35.49 -16.10
CA ASP D 83 6.70 -36.60 -16.77
C ASP D 83 7.68 -36.10 -17.85
N PRO D 84 8.82 -36.80 -18.04
CA PRO D 84 9.80 -36.38 -19.03
C PRO D 84 9.29 -36.34 -20.47
N PHE D 85 8.27 -37.13 -20.80
CA PHE D 85 7.74 -37.23 -22.16
C PHE D 85 6.97 -35.96 -22.52
N THR D 86 6.04 -35.58 -21.63
CA THR D 86 5.27 -34.35 -21.75
C THR D 86 6.22 -33.15 -21.74
N THR D 87 7.17 -33.13 -20.79
CA THR D 87 8.17 -32.06 -20.69
C THR D 87 8.87 -31.85 -22.05
N PHE D 88 9.38 -32.94 -22.61
CA PHE D 88 10.08 -32.92 -23.88
C PHE D 88 9.19 -32.33 -24.96
N ASP D 89 7.94 -32.80 -25.06
CA ASP D 89 7.00 -32.27 -26.03
C ASP D 89 6.65 -30.80 -25.82
N LYS D 90 6.49 -30.37 -24.58
CA LYS D 90 6.15 -28.96 -24.35
C LYS D 90 7.34 -27.99 -24.58
N LEU D 91 8.56 -28.45 -24.32
CA LEU D 91 9.77 -27.61 -24.36
C LEU D 91 10.67 -27.72 -25.58
N HIS D 92 10.79 -28.90 -26.17
CA HIS D 92 11.79 -29.11 -27.25
C HIS D 92 11.30 -29.39 -28.66
N VAL D 93 10.08 -29.87 -28.80
CA VAL D 93 9.50 -30.19 -30.10
C VAL D 93 9.16 -28.93 -30.89
N GLN D 94 9.74 -28.86 -32.09
CA GLN D 94 9.50 -27.82 -33.09
C GLN D 94 8.55 -28.42 -34.12
N THR D 95 7.82 -27.56 -34.82
CA THR D 95 6.75 -27.98 -35.75
C THR D 95 7.26 -28.76 -36.99
N THR D 96 6.33 -29.27 -37.79
CA THR D 96 6.66 -30.06 -38.98
C THR D 96 7.22 -29.21 -40.12
N VAL E 12 -9.16 19.39 17.54
CA VAL E 12 -8.86 20.28 18.73
C VAL E 12 -7.36 20.15 19.14
N SER E 13 -6.48 20.56 18.24
CA SER E 13 -5.07 20.18 18.28
C SER E 13 -4.24 20.93 19.30
N VAL E 14 -3.52 20.14 20.10
CA VAL E 14 -2.71 20.68 21.18
C VAL E 14 -1.23 20.70 20.80
N GLU E 15 -0.60 21.86 20.99
CA GLU E 15 0.84 22.00 20.92
C GLU E 15 1.32 22.37 22.34
N SER E 16 2.37 21.70 22.82
CA SER E 16 2.93 21.95 24.14
C SER E 16 3.80 23.20 24.28
N SER E 17 3.92 23.64 25.53
CA SER E 17 4.85 24.68 25.96
C SER E 17 5.85 24.01 26.89
N TRP E 18 7.06 24.52 26.79
CA TRP E 18 8.22 23.93 27.42
C TRP E 18 9.07 24.99 28.10
N ARG E 19 9.80 24.57 29.13
CA ARG E 19 10.78 25.41 29.78
C ARG E 19 12.10 24.69 29.82
N TYR E 20 13.17 25.45 29.94
CA TYR E 20 14.49 24.87 30.20
C TYR E 20 15.31 25.69 31.20
N ILE E 21 16.34 25.06 31.75
CA ILE E 21 17.21 25.69 32.73
C ILE E 21 18.58 25.78 32.08
N ASP E 22 19.11 27.00 32.02
CA ASP E 22 20.46 27.16 31.50
C ASP E 22 21.48 26.81 32.59
N THR E 23 22.76 26.87 32.22
CA THR E 23 23.87 26.56 33.10
C THR E 23 24.02 27.55 34.27
N GLN E 24 23.37 28.72 34.20
CA GLN E 24 23.43 29.71 35.29
C GLN E 24 22.25 29.56 36.26
N GLY E 25 21.39 28.58 36.00
CA GLY E 25 20.20 28.31 36.81
C GLY E 25 18.95 29.07 36.40
N GLN E 26 19.06 29.90 35.36
CA GLN E 26 17.92 30.67 34.88
C GLN E 26 16.98 29.81 34.03
N ILE E 27 15.69 30.02 34.26
CA ILE E 27 14.59 29.32 33.63
C ILE E 27 14.06 30.13 32.47
N HIS E 28 14.12 29.56 31.27
CA HIS E 28 13.65 30.22 30.07
C HIS E 28 12.38 29.57 29.53
N GLY E 29 11.53 30.39 28.95
CA GLY E 29 10.30 29.92 28.39
C GLY E 29 9.09 30.53 29.01
N PRO E 30 7.90 29.92 28.84
CA PRO E 30 7.66 28.72 28.03
C PRO E 30 7.77 28.95 26.51
N PHE E 31 8.42 28.03 25.81
CA PHE E 31 8.48 28.07 24.38
C PHE E 31 7.65 26.91 23.82
N THR E 32 7.07 27.12 22.63
CA THR E 32 6.27 26.09 21.98
C THR E 32 7.18 24.97 21.45
N THR E 33 6.62 23.78 21.32
CA THR E 33 7.26 22.64 20.66
C THR E 33 7.97 23.02 19.34
N GLN E 34 7.28 23.74 18.47
CA GLN E 34 7.83 24.18 17.19
C GLN E 34 9.17 24.90 17.40
N MSE E 35 9.19 25.85 18.33
CA MSE E 35 10.39 26.60 18.67
C MSE E 35 11.46 25.70 19.28
O MSE E 35 12.64 25.83 18.93
CB MSE E 35 10.08 27.77 19.61
CG MSE E 35 9.14 28.87 19.05
SE MSE E 35 8.44 30.03 20.52
CE MSE E 35 10.08 31.04 20.89
N MSE E 36 11.06 24.78 20.14
CA MSE E 36 11.98 23.81 20.75
C MSE E 36 12.56 22.88 19.69
O MSE E 36 13.76 22.58 19.72
CB MSE E 36 11.28 23.02 21.87
CG MSE E 36 10.85 23.86 23.07
SE MSE E 36 12.33 24.64 24.11
CE MSE E 36 12.95 23.04 25.01
N SER E 37 11.72 22.44 18.75
CA SER E 37 12.16 21.64 17.60
C SER E 37 13.25 22.34 16.75
N GLN E 38 12.94 23.53 16.25
CA GLN E 38 13.90 24.34 15.49
C GLN E 38 15.26 24.40 16.17
N TRP E 39 15.30 24.75 17.46
CA TRP E 39 16.54 24.81 18.21
C TRP E 39 17.26 23.47 18.36
N TYR E 40 16.50 22.38 18.47
CA TYR E 40 17.04 21.03 18.50
C TYR E 40 17.66 20.71 17.12
N ILE E 41 16.87 20.82 16.04
CA ILE E 41 17.36 20.64 14.66
C ILE E 41 18.65 21.46 14.43
N GLY E 42 18.74 22.65 15.02
CA GLY E 42 19.93 23.51 14.92
C GLY E 42 21.10 23.14 15.82
N GLY E 43 20.98 22.05 16.56
CA GLY E 43 22.02 21.54 17.46
C GLY E 43 22.40 22.43 18.64
N TYR E 44 21.42 23.09 19.23
CA TYR E 44 21.70 24.04 20.31
C TYR E 44 21.47 23.49 21.71
N PHE E 45 20.91 22.30 21.80
CA PHE E 45 20.60 21.69 23.07
C PHE E 45 21.52 20.52 23.36
N ALA E 46 22.25 20.60 24.48
CA ALA E 46 23.04 19.47 24.98
C ALA E 46 22.08 18.44 25.57
N SER E 47 22.49 17.18 25.59
CA SER E 47 21.65 16.09 26.12
C SER E 47 21.41 16.21 27.63
N THR E 48 22.26 17.00 28.30
CA THR E 48 22.19 17.24 29.74
C THR E 48 21.25 18.39 30.16
N LEU E 49 20.75 19.15 29.18
CA LEU E 49 19.88 20.29 29.44
C LEU E 49 18.57 19.83 30.08
N GLN E 50 18.26 20.43 31.22
CA GLN E 50 17.04 20.15 31.96
C GLN E 50 15.91 20.89 31.27
N ILE E 51 14.86 20.13 30.98
CA ILE E 51 13.71 20.64 30.24
C ILE E 51 12.44 20.23 30.97
N SER E 52 11.35 20.93 30.69
CA SER E 52 10.09 20.57 31.30
C SER E 52 8.94 20.83 30.35
N ARG E 53 8.02 19.86 30.31
CA ARG E 53 6.79 20.02 29.57
C ARG E 53 5.73 20.50 30.56
N LEU E 54 5.21 21.69 30.30
CA LEU E 54 4.16 22.24 31.15
C LEU E 54 2.90 21.40 31.03
N GLY E 55 2.32 21.09 32.18
CA GLY E 55 1.15 20.22 32.24
C GLY E 55 -0.12 20.88 31.76
N SER E 56 -0.16 21.33 30.51
CA SER E 56 -1.37 21.95 29.97
C SER E 56 -2.48 20.94 29.64
N THR E 57 -2.13 19.67 29.42
CA THR E 57 -3.09 18.60 29.09
C THR E 57 -2.65 17.26 29.66
N PRO E 58 -3.59 16.28 29.83
CA PRO E 58 -3.14 14.91 30.12
C PRO E 58 -2.16 14.41 29.04
N GLU E 59 -1.32 13.45 29.39
CA GLU E 59 -0.30 12.90 28.50
C GLU E 59 0.16 11.54 29.03
N THR E 60 0.49 10.63 28.12
CA THR E 60 0.76 9.24 28.49
C THR E 60 2.18 8.88 28.90
N LEU E 61 3.15 9.78 28.69
CA LEU E 61 4.54 9.46 29.03
C LEU E 61 4.88 9.65 30.52
N GLY E 62 4.14 10.52 31.22
CA GLY E 62 4.37 10.84 32.64
C GLY E 62 5.50 11.84 32.86
N ILE E 63 5.38 13.02 32.25
CA ILE E 63 6.42 14.07 32.36
C ILE E 63 5.86 15.46 32.69
N ASN E 64 4.54 15.60 32.71
CA ASN E 64 3.90 16.85 33.08
C ASN E 64 4.60 17.48 34.27
N ASP E 65 5.07 18.70 34.07
CA ASP E 65 5.62 19.56 35.11
C ASP E 65 6.88 19.06 35.83
N ILE E 66 7.61 18.09 35.30
CA ILE E 66 8.88 17.67 35.93
C ILE E 66 10.11 18.24 35.21
N PHE E 67 11.27 18.25 35.84
CA PHE E 67 12.50 18.63 35.12
C PHE E 67 13.38 17.38 34.92
N ILE E 68 13.46 16.96 33.65
CA ILE E 68 14.33 15.86 33.22
C ILE E 68 15.26 16.37 32.13
N THR E 69 16.41 15.72 31.97
CA THR E 69 17.38 16.12 30.96
C THR E 69 16.87 15.71 29.58
N LEU E 70 17.37 16.39 28.55
CA LEU E 70 17.01 16.07 27.17
C LEU E 70 17.27 14.60 26.87
N GLY E 71 18.42 14.11 27.34
CA GLY E 71 18.84 12.72 27.27
C GLY E 71 17.75 11.79 27.76
N GLU E 72 17.29 12.06 28.99
CA GLU E 72 16.28 11.26 29.68
C GLU E 72 14.93 11.30 28.98
N LEU E 73 14.60 12.44 28.35
CA LEU E 73 13.33 12.52 27.61
C LEU E 73 13.31 11.54 26.45
N MSE E 74 14.42 11.47 25.72
CA MSE E 74 14.57 10.57 24.58
C MSE E 74 14.52 9.08 24.99
O MSE E 74 13.86 8.27 24.33
CB MSE E 74 15.87 10.92 23.88
CG MSE E 74 15.90 12.38 23.55
SE MSE E 74 17.44 12.90 22.55
CE MSE E 74 18.95 12.86 23.78
N THR E 75 15.23 8.78 26.08
CA THR E 75 15.22 7.44 26.68
C THR E 75 13.77 7.05 27.02
N LYS E 76 13.05 7.96 27.70
CA LYS E 76 11.64 7.74 28.05
C LYS E 76 10.76 7.43 26.85
N LEU E 77 10.81 8.28 25.81
CA LEU E 77 10.06 8.09 24.55
C LEU E 77 10.34 6.74 23.92
N GLU E 78 11.60 6.33 23.99
CA GLU E 78 12.06 5.06 23.45
C GLU E 78 11.52 3.89 24.25
N LYS E 79 11.79 3.90 25.56
CA LYS E 79 11.39 2.82 26.47
C LYS E 79 9.88 2.60 26.53
N TYR E 80 9.10 3.60 26.15
CA TYR E 80 7.64 3.46 26.07
C TYR E 80 7.20 2.37 25.08
N ASP E 81 8.00 2.17 24.03
CA ASP E 81 7.73 1.23 22.97
C ASP E 81 6.36 1.45 22.31
N THR E 82 6.15 2.61 21.70
CA THR E 82 4.98 2.80 20.86
C THR E 82 5.25 1.98 19.60
N ASP E 83 4.32 1.07 19.25
CA ASP E 83 4.48 0.21 18.08
C ASP E 83 4.89 1.01 16.80
N PRO E 84 5.71 0.40 15.92
CA PRO E 84 6.22 1.07 14.73
C PRO E 84 5.16 1.57 13.74
N PHE E 85 4.04 0.85 13.62
CA PHE E 85 2.96 1.22 12.70
C PHE E 85 2.29 2.52 13.15
N THR E 86 1.88 2.60 14.42
CA THR E 86 1.36 3.86 14.98
C THR E 86 2.42 4.95 14.92
N THR E 87 3.67 4.60 15.22
CA THR E 87 4.78 5.55 15.21
C THR E 87 4.82 6.20 13.82
N PHE E 88 4.88 5.35 12.80
CA PHE E 88 4.89 5.78 11.40
C PHE E 88 3.73 6.73 11.07
N ASP E 89 2.51 6.32 11.40
CA ASP E 89 1.30 7.11 11.13
C ASP E 89 1.33 8.47 11.83
N LYS E 90 1.69 8.47 13.10
CA LYS E 90 1.72 9.71 13.85
C LYS E 90 2.85 10.68 13.42
N LEU E 91 3.94 10.17 12.86
CA LEU E 91 5.09 11.02 12.55
C LEU E 91 5.30 11.34 11.07
N HIS E 92 5.20 10.34 10.20
CA HIS E 92 5.55 10.52 8.78
C HIS E 92 4.39 10.67 7.79
N VAL E 93 3.16 10.30 8.18
CA VAL E 93 2.02 10.36 7.25
C VAL E 93 1.48 11.77 7.09
N GLN E 94 1.41 12.18 5.83
CA GLN E 94 0.89 13.46 5.39
C GLN E 94 -0.49 13.22 4.80
N THR E 95 -1.31 14.26 4.74
CA THR E 95 -2.70 14.14 4.29
C THR E 95 -2.84 13.88 2.81
N THR E 96 -4.07 13.61 2.41
CA THR E 96 -4.45 13.42 1.02
C THR E 96 -4.45 14.76 0.28
N ALA F 4 -10.78 -17.17 -29.35
CA ALA F 4 -11.53 -17.53 -28.09
C ALA F 4 -11.69 -16.38 -27.06
N PRO F 5 -12.93 -16.20 -26.53
CA PRO F 5 -13.33 -14.97 -25.81
C PRO F 5 -12.53 -14.66 -24.55
N PRO F 6 -12.39 -13.36 -24.21
CA PRO F 6 -11.74 -12.96 -22.97
C PRO F 6 -12.64 -13.29 -21.80
N PRO F 7 -12.05 -13.68 -20.65
CA PRO F 7 -12.87 -14.02 -19.48
C PRO F 7 -13.77 -12.88 -19.03
N GLY F 8 -14.98 -13.22 -18.63
CA GLY F 8 -15.94 -12.29 -18.09
C GLY F 8 -16.68 -11.42 -19.08
N LEU F 9 -16.44 -11.61 -20.38
CA LEU F 9 -17.12 -10.83 -21.42
C LEU F 9 -17.81 -11.73 -22.46
N SER F 10 -19.14 -11.63 -22.57
CA SER F 10 -19.87 -12.32 -23.64
C SER F 10 -21.21 -11.66 -24.01
N ILE G 3 -14.40 18.89 7.35
CA ILE G 3 -13.88 17.66 6.67
C ILE G 3 -13.29 17.99 5.30
N ALA G 4 -12.01 17.70 5.09
CA ALA G 4 -11.35 17.93 3.79
C ALA G 4 -11.84 16.96 2.70
N PRO G 5 -12.03 17.47 1.45
CA PRO G 5 -12.46 16.64 0.31
C PRO G 5 -11.54 15.45 0.00
N PRO G 6 -12.09 14.31 -0.48
CA PRO G 6 -11.26 13.18 -0.87
C PRO G 6 -10.51 13.51 -2.14
N PRO G 7 -9.26 13.00 -2.32
CA PRO G 7 -8.49 13.41 -3.51
C PRO G 7 -9.16 12.99 -4.83
N GLY G 8 -8.95 13.82 -5.84
CA GLY G 8 -9.49 13.60 -7.18
C GLY G 8 -10.99 13.69 -7.36
N LEU G 9 -11.74 14.21 -6.39
CA LEU G 9 -13.20 14.40 -6.57
C LEU G 9 -13.68 15.84 -6.40
N ALA H 4 -5.98 -12.66 19.25
CA ALA H 4 -6.38 -13.44 18.03
C ALA H 4 -5.32 -13.37 16.91
N PRO H 5 -4.65 -14.51 16.59
CA PRO H 5 -3.50 -14.59 15.65
C PRO H 5 -3.71 -14.02 14.23
N PRO H 6 -2.66 -13.34 13.69
CA PRO H 6 -2.65 -12.89 12.29
C PRO H 6 -2.58 -14.08 11.33
N PRO H 7 -3.36 -14.05 10.22
CA PRO H 7 -3.39 -15.23 9.34
C PRO H 7 -2.02 -15.55 8.73
N GLY H 8 -1.74 -16.85 8.66
CA GLY H 8 -0.50 -17.38 8.09
C GLY H 8 0.74 -17.22 8.96
N LEU H 9 0.58 -16.80 10.21
CA LEU H 9 1.68 -16.62 11.16
C LEU H 9 1.33 -17.25 12.51
N ALA I 4 20.43 -5.38 -21.72
CA ALA I 4 20.22 -4.29 -20.72
C ALA I 4 19.78 -4.84 -19.35
N PRO I 5 20.32 -4.30 -18.22
CA PRO I 5 19.97 -4.79 -16.87
C PRO I 5 18.50 -4.61 -16.43
N PRO I 6 17.97 -5.55 -15.60
CA PRO I 6 16.65 -5.39 -14.99
C PRO I 6 16.67 -4.24 -13.98
N PRO I 7 15.64 -3.36 -13.97
CA PRO I 7 15.68 -2.21 -13.03
C PRO I 7 15.87 -2.64 -11.58
N GLY I 8 16.74 -1.94 -10.88
CA GLY I 8 17.00 -2.16 -9.46
C GLY I 8 17.80 -3.38 -9.09
N LEU I 9 18.43 -4.01 -10.07
CA LEU I 9 19.31 -5.14 -9.76
C LEU I 9 20.78 -4.80 -10.02
N SER I 10 21.09 -3.59 -9.58
CA SER I 10 22.41 -3.02 -9.42
C SER I 10 22.27 -2.04 -8.26
N ALA J 4 19.06 30.47 14.61
CA ALA J 4 19.25 31.55 15.65
C ALA J 4 19.13 31.04 17.12
N PRO J 5 20.21 31.19 17.93
CA PRO J 5 20.40 30.53 19.24
C PRO J 5 19.35 30.82 20.34
N PRO J 6 19.06 29.81 21.21
CA PRO J 6 18.12 29.97 22.32
C PRO J 6 18.72 30.82 23.43
N PRO J 7 17.91 31.65 24.14
CA PRO J 7 18.47 32.51 25.19
C PRO J 7 19.16 31.74 26.32
N GLY J 8 20.35 32.20 26.71
CA GLY J 8 21.11 31.61 27.79
C GLY J 8 21.91 30.35 27.50
N LEU J 9 22.06 29.96 26.24
CA LEU J 9 22.82 28.75 25.89
C LEU J 9 23.99 28.95 24.90
N SER J 10 24.87 29.93 25.17
CA SER J 10 26.05 30.22 24.32
C SER J 10 26.94 29.01 24.03
#